data_4A6K
#
_entry.id   4A6K
#
_cell.length_a   36.950
_cell.length_b   71.610
_cell.length_c   82.630
_cell.angle_alpha   90.00
_cell.angle_beta   90.00
_cell.angle_gamma   90.00
#
_symmetry.space_group_name_H-M   'P 1 21 1'
#
loop_
_entity.id
_entity.type
_entity.pdbx_description
1 polymer 'PHOSPHATIDYLINOSITOL 4,5-BISPHOSPHATE-BINDING PROTEIN SLM1'
2 non-polymer 'PHOSPHATE ION'
3 non-polymer D-MYO-INOSITOL-4-PHOSPHATE
4 water water
#
_entity_poly.entity_id   1
_entity_poly.type   'polypeptide(L)'
_entity_poly.pdbx_seq_one_letter_code
;DHPFTEIKSGFLERRSKFLKSYSKGYYVLTPNFLHEFKTADRKKDLVPVMSLALSECTVTEHSRKNSTSSPNSTGSDAKF
VLHAKQNGIIRRGHNWVFKADSYESMMSWFDNLKILTSTS
;
_entity_poly.pdbx_strand_id   A,B,C,D
#
loop_
_chem_comp.id
_chem_comp.type
_chem_comp.name
_chem_comp.formula
I4D non-polymer D-MYO-INOSITOL-4-PHOSPHATE 'C6 H13 O9 P'
PO4 non-polymer 'PHOSPHATE ION' 'O4 P -3'
#
# COMPACT_ATOMS: atom_id res chain seq x y z
N ASP A 1 -14.60 2.36 14.24
CA ASP A 1 -14.39 1.66 12.96
C ASP A 1 -13.04 1.30 12.39
N HIS A 2 -12.32 0.35 13.00
CA HIS A 2 -10.91 0.31 13.28
C HIS A 2 -9.60 0.08 12.46
N PRO A 3 -9.61 -0.77 11.42
CA PRO A 3 -8.27 -0.62 10.76
C PRO A 3 -8.26 0.17 9.44
N PHE A 4 -7.11 0.67 8.98
CA PHE A 4 -7.01 1.47 7.71
C PHE A 4 -5.54 1.47 7.23
N THR A 5 -5.28 1.21 5.95
CA THR A 5 -3.90 1.25 5.39
C THR A 5 -3.41 2.70 5.12
N GLU A 6 -3.23 3.47 6.15
CA GLU A 6 -2.96 4.86 5.90
C GLU A 6 -1.44 4.97 5.94
N ILE A 7 -0.90 5.67 4.94
CA ILE A 7 0.55 5.99 4.93
C ILE A 7 0.82 7.31 5.60
N LYS A 8 -0.06 8.27 5.37
CA LYS A 8 -0.01 9.55 6.09
C LYS A 8 -1.40 10.16 6.24
N SER A 9 -1.66 10.92 7.33
CA SER A 9 -2.91 11.61 7.49
C SER A 9 -2.69 12.94 8.23
N GLY A 10 -3.56 13.88 7.96
CA GLY A 10 -3.53 15.16 8.67
C GLY A 10 -4.30 16.21 7.91
N PHE A 11 -4.46 17.36 8.54
CA PHE A 11 -5.12 18.47 7.90
C PHE A 11 -4.26 19.16 6.85
N LEU A 12 -4.89 19.47 5.71
CA LEU A 12 -4.30 20.36 4.70
C LEU A 12 -5.30 21.36 4.26
N GLU A 13 -4.81 22.53 3.81
CA GLU A 13 -5.63 23.54 3.19
C GLU A 13 -5.40 23.48 1.67
N ARG A 14 -6.46 23.48 0.89
CA ARG A 14 -6.36 23.40 -0.57
C ARG A 14 -6.86 24.74 -1.07
N ARG A 15 -6.07 25.39 -1.90
CA ARG A 15 -6.53 26.66 -2.46
C ARG A 15 -7.58 26.47 -3.55
N SER A 16 -8.68 27.20 -3.53
CA SER A 16 -9.56 27.03 -4.63
C SER A 16 -9.27 28.19 -5.57
N LYS A 17 -9.14 27.95 -6.85
CA LYS A 17 -8.79 29.12 -7.67
C LYS A 17 -10.01 29.98 -8.00
N PHE A 18 -11.21 29.43 -7.82
CA PHE A 18 -12.45 30.24 -8.07
C PHE A 18 -12.86 30.93 -6.80
N LEU A 19 -12.78 30.24 -5.66
CA LEU A 19 -13.23 30.87 -4.42
C LEU A 19 -12.20 31.84 -3.84
N LYS A 20 -10.93 31.77 -4.28
CA LYS A 20 -9.88 32.71 -3.72
C LYS A 20 -9.71 32.63 -2.21
N SER A 21 -9.68 31.40 -1.71
CA SER A 21 -9.57 31.10 -0.33
C SER A 21 -9.13 29.62 -0.26
N TYR A 22 -8.65 29.24 0.90
CA TYR A 22 -8.26 27.88 1.20
C TYR A 22 -9.41 27.23 1.90
N SER A 23 -9.61 25.98 1.58
CA SER A 23 -10.53 25.09 2.31
C SER A 23 -9.72 24.07 3.04
N LYS A 24 -9.93 23.91 4.32
CA LYS A 24 -9.21 22.90 5.03
C LYS A 24 -10.02 21.59 5.13
N GLY A 25 -9.32 20.46 5.04
CA GLY A 25 -9.96 19.18 5.08
C GLY A 25 -9.00 18.22 5.74
N TYR A 26 -9.50 17.05 6.07
CA TYR A 26 -8.66 16.04 6.73
C TYR A 26 -8.27 15.00 5.64
N TYR A 27 -6.98 14.91 5.34
CA TYR A 27 -6.55 14.08 4.17
C TYR A 27 -5.90 12.81 4.63
N VAL A 28 -6.09 11.74 3.87
CA VAL A 28 -5.49 10.50 4.24
C VAL A 28 -4.91 9.94 2.94
N LEU A 29 -3.62 9.71 2.97
CA LEU A 29 -2.89 9.11 1.86
C LEU A 29 -2.86 7.59 2.00
N THR A 30 -3.31 6.89 0.97
CA THR A 30 -3.15 5.43 0.96
C THR A 30 -2.26 5.08 -0.23
N PRO A 31 -1.94 3.80 -0.41
CA PRO A 31 -1.15 3.55 -1.62
C PRO A 31 -1.85 3.89 -2.96
N ASN A 32 -3.17 4.08 -2.95
CA ASN A 32 -3.91 4.32 -4.16
C ASN A 32 -4.44 5.70 -4.29
N PHE A 33 -4.75 6.39 -3.19
CA PHE A 33 -5.46 7.63 -3.32
C PHE A 33 -5.01 8.59 -2.22
N LEU A 34 -5.13 9.88 -2.55
CA LEU A 34 -5.16 10.93 -1.55
C LEU A 34 -6.68 11.22 -1.39
N HIS A 35 -7.21 10.82 -0.23
CA HIS A 35 -8.62 11.04 0.06
C HIS A 35 -8.73 12.29 0.94
N GLU A 36 -9.78 13.08 0.71
CA GLU A 36 -10.17 14.14 1.63
C GLU A 36 -11.43 13.74 2.36
N PHE A 37 -11.47 14.01 3.64
CA PHE A 37 -12.73 13.83 4.48
C PHE A 37 -12.97 15.20 5.14
N LYS A 38 -14.22 15.45 5.50
CA LYS A 38 -14.54 16.74 6.12
C LYS A 38 -13.91 16.82 7.49
N THR A 39 -13.84 15.67 8.18
CA THR A 39 -13.35 15.67 9.54
C THR A 39 -12.32 14.57 9.76
N ALA A 40 -11.73 14.59 10.95
CA ALA A 40 -10.80 13.57 11.37
C ALA A 40 -11.38 12.39 12.11
N ASP A 41 -12.69 12.25 12.12
CA ASP A 41 -13.31 11.20 12.91
C ASP A 41 -13.23 9.90 12.07
N ARG A 42 -12.18 9.12 12.30
CA ARG A 42 -11.76 7.99 11.44
C ARG A 42 -12.61 6.81 11.78
N LYS A 43 -13.50 7.00 12.76
CA LYS A 43 -14.45 5.95 13.10
C LYS A 43 -15.83 6.16 12.54
N LYS A 44 -16.20 7.40 12.22
CA LYS A 44 -17.54 7.66 11.74
C LYS A 44 -17.66 8.38 10.39
N ASP A 45 -16.70 9.21 10.04
CA ASP A 45 -16.88 10.12 8.90
C ASP A 45 -16.03 9.46 7.82
N LEU A 46 -16.61 8.48 7.16
CA LEU A 46 -15.77 7.67 6.30
C LEU A 46 -16.21 7.58 4.85
N VAL A 47 -16.98 8.54 4.40
CA VAL A 47 -17.26 8.76 2.96
C VAL A 47 -16.38 9.91 2.46
N PRO A 48 -15.39 9.61 1.60
CA PRO A 48 -14.55 10.73 1.16
C PRO A 48 -15.32 11.84 0.47
N VAL A 49 -14.93 13.09 0.75
CA VAL A 49 -15.33 14.28 -0.05
C VAL A 49 -14.85 14.10 -1.48
N MET A 50 -13.63 13.61 -1.59
CA MET A 50 -12.99 13.34 -2.88
C MET A 50 -11.85 12.37 -2.70
N SER A 51 -11.58 11.61 -3.77
CA SER A 51 -10.52 10.60 -3.76
C SER A 51 -9.68 10.81 -5.04
N LEU A 52 -8.43 11.28 -4.90
CA LEU A 52 -7.58 11.65 -6.03
C LEU A 52 -6.70 10.42 -6.31
N ALA A 53 -6.89 9.80 -7.48
CA ALA A 53 -6.08 8.64 -7.91
C ALA A 53 -4.62 9.03 -8.07
N LEU A 54 -3.73 8.38 -7.33
CA LEU A 54 -2.30 8.70 -7.34
C LEU A 54 -1.69 8.29 -8.67
N SER A 55 -2.34 7.35 -9.34
CA SER A 55 -1.80 6.80 -10.63
C SER A 55 -1.81 7.93 -11.66
N GLU A 56 -2.71 8.93 -11.50
CA GLU A 56 -2.74 9.99 -12.47
C GLU A 56 -2.41 11.40 -11.90
N CYS A 57 -1.64 11.43 -10.82
CA CYS A 57 -1.18 12.65 -10.19
C CYS A 57 0.34 12.65 -10.08
N THR A 58 0.91 13.86 -10.02
CA THR A 58 2.31 14.00 -9.66
C THR A 58 2.44 15.19 -8.72
N VAL A 59 3.56 15.31 -8.02
CA VAL A 59 3.81 16.47 -7.24
C VAL A 59 4.98 17.20 -7.87
N THR A 60 4.82 18.49 -8.10
CA THR A 60 5.80 19.15 -8.94
C THR A 60 6.67 20.31 -8.37
N GLU A 61 6.06 21.32 -7.84
CA GLU A 61 6.82 22.28 -7.08
C GLU A 61 6.40 22.34 -5.61
N HIS A 62 7.26 22.93 -4.81
CA HIS A 62 6.97 23.21 -3.44
C HIS A 62 7.71 24.45 -3.01
N SER A 63 7.30 24.96 -1.86
CA SER A 63 7.88 26.15 -1.30
C SER A 63 9.35 25.91 -0.96
N ARG A 64 10.18 26.94 -1.15
CA ARG A 64 11.50 26.97 -0.46
C ARG A 64 11.34 27.33 1.02
N LYS A 65 12.17 26.75 1.86
CA LYS A 65 12.11 27.00 3.31
C LYS A 65 12.15 28.46 3.84
N ASN A 66 12.65 29.43 3.11
CA ASN A 66 12.76 30.76 3.76
C ASN A 66 14.17 30.79 4.39
N SER A 76 3.27 31.87 3.30
CA SER A 76 3.84 30.71 4.00
C SER A 76 4.84 30.00 3.14
N ASP A 77 5.69 29.18 3.77
CA ASP A 77 6.62 28.34 3.03
C ASP A 77 6.23 26.86 3.20
N ALA A 78 4.93 26.56 3.13
CA ALA A 78 4.47 25.22 3.51
C ALA A 78 3.52 24.71 2.41
N LYS A 79 3.78 25.14 1.20
CA LYS A 79 2.95 24.77 0.06
C LYS A 79 3.56 23.81 -0.91
N PHE A 80 2.70 23.08 -1.62
CA PHE A 80 3.12 22.25 -2.76
C PHE A 80 2.06 22.10 -3.79
N VAL A 81 2.45 21.65 -5.00
CA VAL A 81 1.52 21.58 -6.12
C VAL A 81 1.40 20.14 -6.50
N LEU A 82 0.14 19.72 -6.61
CA LEU A 82 -0.28 18.44 -7.13
C LEU A 82 -0.81 18.64 -8.52
N HIS A 83 -0.19 17.95 -9.49
CA HIS A 83 -0.55 18.08 -10.89
C HIS A 83 -1.32 16.88 -11.43
N ALA A 84 -2.36 17.15 -12.24
CA ALA A 84 -3.11 16.06 -12.89
C ALA A 84 -2.59 15.70 -14.26
N LYS A 85 -2.32 14.41 -14.42
CA LYS A 85 -1.94 13.82 -15.71
C LYS A 85 -3.15 13.41 -16.52
N GLN A 86 -4.32 13.38 -15.90
CA GLN A 86 -5.50 12.88 -16.61
C GLN A 86 -6.78 13.50 -16.09
N ASN A 87 -7.83 13.51 -16.90
CA ASN A 87 -9.11 14.05 -16.46
C ASN A 87 -10.06 13.43 -15.45
N GLY A 88 -9.97 13.86 -14.19
CA GLY A 88 -10.54 13.13 -13.04
C GLY A 88 -11.45 13.50 -11.89
N ILE A 89 -10.87 14.16 -10.88
CA ILE A 89 -11.29 15.24 -10.00
C ILE A 89 -10.77 16.61 -10.54
N ILE A 90 -9.53 16.59 -11.02
CA ILE A 90 -8.86 17.72 -11.64
C ILE A 90 -8.85 17.45 -13.19
N ARG A 91 -9.05 18.49 -14.01
CA ARG A 91 -8.83 18.37 -15.48
C ARG A 91 -7.36 18.09 -15.83
N ARG A 92 -7.13 17.31 -16.88
CA ARG A 92 -5.77 16.94 -17.35
C ARG A 92 -4.94 18.21 -17.52
N GLY A 93 -3.73 18.17 -16.97
CA GLY A 93 -2.79 19.27 -17.04
C GLY A 93 -3.05 20.41 -16.04
N HIS A 94 -4.05 20.26 -15.19
CA HIS A 94 -4.35 21.33 -14.21
C HIS A 94 -3.70 21.06 -12.84
N ASN A 95 -3.68 22.06 -11.96
CA ASN A 95 -2.82 22.00 -10.76
C ASN A 95 -3.56 22.46 -9.55
N TRP A 96 -3.42 21.70 -8.49
CA TRP A 96 -3.95 22.08 -7.21
C TRP A 96 -2.86 22.43 -6.20
N VAL A 97 -3.09 23.48 -5.41
CA VAL A 97 -2.07 23.91 -4.43
C VAL A 97 -2.55 23.61 -3.04
N PHE A 98 -1.68 22.90 -2.31
CA PHE A 98 -1.89 22.55 -0.96
C PHE A 98 -1.00 23.32 -0.01
N LYS A 99 -1.56 23.61 1.17
CA LYS A 99 -0.80 24.31 2.25
C LYS A 99 -0.88 23.48 3.53
N ALA A 100 0.28 23.13 4.06
CA ALA A 100 0.38 22.40 5.32
C ALA A 100 0.75 23.43 6.42
N ASP A 101 0.81 23.00 7.66
CA ASP A 101 1.08 23.88 8.83
C ASP A 101 2.51 24.45 8.91
N SER A 102 3.45 23.74 8.31
CA SER A 102 4.89 24.09 8.35
C SER A 102 5.59 23.60 7.13
N TYR A 103 6.77 24.16 6.85
CA TYR A 103 7.64 23.60 5.85
C TYR A 103 7.88 22.09 6.04
N GLU A 104 8.16 21.69 7.28
CA GLU A 104 8.56 20.31 7.58
C GLU A 104 7.37 19.35 7.32
N SER A 105 6.18 19.78 7.69
CA SER A 105 5.02 18.99 7.46
C SER A 105 4.76 18.93 5.95
N MET A 106 4.88 20.07 5.27
CA MET A 106 4.73 20.06 3.82
C MET A 106 5.67 19.05 3.18
N MET A 107 6.92 19.00 3.61
CA MET A 107 7.85 18.08 2.97
C MET A 107 7.57 16.59 3.28
N SER A 108 7.02 16.32 4.45
CA SER A 108 6.54 14.98 4.74
C SER A 108 5.43 14.58 3.74
N TRP A 109 4.47 15.49 3.47
CA TRP A 109 3.48 15.22 2.48
C TRP A 109 4.10 15.06 1.08
N PHE A 110 4.94 16.04 0.71
CA PHE A 110 5.52 16.07 -0.60
C PHE A 110 6.31 14.78 -0.86
N ASP A 111 7.19 14.41 0.04
CA ASP A 111 8.06 13.19 -0.19
C ASP A 111 7.26 11.83 -0.21
N ASN A 112 6.28 11.73 0.69
CA ASN A 112 5.34 10.58 0.68
C ASN A 112 4.55 10.52 -0.60
N LEU A 113 4.05 11.66 -1.12
CA LEU A 113 3.37 11.62 -2.40
C LEU A 113 4.30 11.25 -3.58
N LYS A 114 5.48 11.86 -3.59
CA LYS A 114 6.40 11.71 -4.70
C LYS A 114 6.75 10.23 -4.89
N ILE A 115 7.04 9.52 -3.80
CA ILE A 115 7.37 8.12 -3.92
C ILE A 115 6.22 7.21 -4.33
N LEU A 116 5.00 7.74 -4.30
CA LEU A 116 3.83 6.93 -4.69
C LEU A 116 3.32 7.34 -6.08
N THR A 117 3.94 8.38 -6.68
CA THR A 117 3.53 8.93 -7.99
C THR A 117 4.68 9.03 -9.02
N SER A 118 5.63 8.12 -8.94
CA SER A 118 6.79 8.17 -9.81
C SER A 118 6.48 7.63 -11.23
N THR A 119 5.42 6.84 -11.39
CA THR A 119 5.18 6.20 -12.72
C THR A 119 4.14 6.93 -13.59
N HIS B 2 12.74 11.80 5.45
CA HIS B 2 12.99 11.14 4.10
C HIS B 2 12.30 9.74 3.85
N PRO B 3 11.56 9.64 2.74
CA PRO B 3 10.19 9.11 2.85
C PRO B 3 10.11 7.60 2.85
N PHE B 4 8.95 7.06 3.23
CA PHE B 4 8.78 5.60 3.38
C PHE B 4 7.29 5.33 3.41
N THR B 5 6.79 4.44 2.54
CA THR B 5 5.39 4.09 2.63
C THR B 5 5.44 3.15 3.82
N GLU B 6 5.03 3.64 5.01
CA GLU B 6 4.89 2.79 6.24
C GLU B 6 3.40 2.90 6.60
N ILE B 7 2.79 1.78 6.92
CA ILE B 7 1.39 1.80 7.36
C ILE B 7 1.39 1.79 8.88
N LYS B 8 2.36 1.11 9.47
CA LYS B 8 2.53 1.08 10.92
C LYS B 8 3.95 0.75 11.26
N SER B 9 4.44 1.29 12.41
CA SER B 9 5.77 0.97 12.88
C SER B 9 5.80 1.06 14.42
N GLY B 10 6.68 0.27 15.02
CA GLY B 10 6.92 0.33 16.44
C GLY B 10 7.68 -0.87 16.85
N PHE B 11 8.04 -0.90 18.13
CA PHE B 11 8.70 -2.06 18.68
C PHE B 11 7.74 -3.21 18.94
N LEU B 12 8.19 -4.43 18.61
CA LEU B 12 7.49 -5.67 19.00
C LEU B 12 8.50 -6.63 19.56
N GLU B 13 8.05 -7.51 20.46
CA GLU B 13 8.89 -8.60 20.94
C GLU B 13 8.45 -9.85 20.22
N ARG B 14 9.36 -10.59 19.63
CA ARG B 14 8.97 -11.87 19.02
C ARG B 14 9.50 -13.04 19.87
N ARG B 15 8.65 -14.03 20.14
CA ARG B 15 9.14 -15.16 20.96
C ARG B 15 9.93 -16.14 20.07
N SER B 16 11.13 -16.57 20.51
CA SER B 16 11.82 -17.55 19.73
C SER B 16 11.44 -18.86 20.38
N LYS B 17 11.12 -19.90 19.64
CA LYS B 17 10.74 -21.11 20.40
C LYS B 17 11.98 -21.93 20.81
N PHE B 18 13.13 -21.57 20.24
CA PHE B 18 14.40 -22.28 20.61
C PHE B 18 15.09 -21.54 21.72
N LEU B 19 15.13 -20.24 21.63
CA LEU B 19 15.84 -19.51 22.65
C LEU B 19 14.99 -19.32 23.93
N LYS B 20 13.68 -19.63 23.89
CA LYS B 20 12.84 -19.44 25.10
C LYS B 20 12.95 -18.02 25.70
N SER B 21 12.91 -17.01 24.84
CA SER B 21 12.94 -15.65 25.27
C SER B 21 12.39 -14.84 24.10
N TYR B 22 12.09 -13.60 24.40
CA TYR B 22 11.61 -12.65 23.42
C TYR B 22 12.77 -11.85 22.92
N SER B 23 12.79 -11.60 21.64
CA SER B 23 13.73 -10.63 21.04
C SER B 23 12.94 -9.44 20.63
N LYS B 24 13.36 -8.29 21.07
CA LYS B 24 12.72 -7.10 20.59
C LYS B 24 13.38 -6.50 19.35
N GLY B 25 12.57 -5.99 18.42
CA GLY B 25 13.07 -5.34 17.20
C GLY B 25 12.11 -4.24 16.86
N TYR B 26 12.51 -3.43 15.89
CA TYR B 26 11.69 -2.30 15.48
C TYR B 26 11.02 -2.72 14.13
N TYR B 27 9.71 -2.81 14.13
CA TYR B 27 9.00 -3.37 12.96
C TYR B 27 8.31 -2.29 12.15
N VAL B 28 8.26 -2.52 10.84
CA VAL B 28 7.62 -1.52 9.99
C VAL B 28 6.77 -2.33 9.04
N LEU B 29 5.48 -2.03 9.06
CA LEU B 29 4.57 -2.70 8.13
C LEU B 29 4.43 -1.85 6.87
N THR B 30 4.57 -2.48 5.70
CA THR B 30 4.27 -1.80 4.44
C THR B 30 3.17 -2.64 3.77
N PRO B 31 2.63 -2.18 2.63
CA PRO B 31 1.63 -3.02 1.99
C PRO B 31 2.16 -4.36 1.53
N ASN B 32 3.49 -4.56 1.47
CA ASN B 32 4.05 -5.82 1.01
C ASN B 32 4.68 -6.67 2.07
N PHE B 33 5.25 -6.07 3.11
CA PHE B 33 6.06 -6.82 4.04
C PHE B 33 5.83 -6.32 5.48
N LEU B 34 6.06 -7.22 6.43
CA LEU B 34 6.39 -6.81 7.79
C LEU B 34 7.92 -6.89 7.89
N HIS B 35 8.56 -5.72 7.97
CA HIS B 35 10.04 -5.73 8.06
C HIS B 35 10.45 -5.57 9.51
N GLU B 36 11.49 -6.28 9.93
CA GLU B 36 12.14 -6.03 11.21
C GLU B 36 13.46 -5.27 10.99
N PHE B 37 13.77 -4.27 11.80
CA PHE B 37 15.12 -3.58 11.80
C PHE B 37 15.64 -3.68 13.22
N LYS B 38 16.95 -3.66 13.39
CA LYS B 38 17.46 -3.72 14.78
C LYS B 38 17.10 -2.49 15.58
N THR B 39 16.98 -1.33 14.94
CA THR B 39 16.72 -0.13 15.64
C THR B 39 15.66 0.72 14.92
N ALA B 40 15.29 1.79 15.60
CA ALA B 40 14.33 2.74 15.03
C ALA B 40 14.91 3.86 14.23
N ASP B 41 16.20 3.81 13.93
CA ASP B 41 16.83 4.88 13.19
C ASP B 41 16.48 4.78 11.66
N ARG B 42 15.39 5.44 11.28
CA ARG B 42 14.70 5.33 9.97
C ARG B 42 15.48 6.13 8.95
N LYS B 43 16.56 6.80 9.37
CA LYS B 43 17.40 7.53 8.45
C LYS B 43 18.67 6.79 8.15
N LYS B 44 19.12 5.91 9.05
CA LYS B 44 20.38 5.20 8.83
C LYS B 44 20.36 3.63 8.88
N ASP B 45 19.47 3.04 9.64
CA ASP B 45 19.52 1.59 9.87
C ASP B 45 18.45 1.07 8.92
N LEU B 46 18.86 0.90 7.67
CA LEU B 46 17.85 0.61 6.69
C LEU B 46 17.99 -0.70 5.92
N VAL B 47 18.77 -1.62 6.43
CA VAL B 47 18.80 -3.03 5.93
C VAL B 47 17.98 -3.91 6.87
N PRO B 48 16.84 -4.44 6.40
CA PRO B 48 16.00 -5.24 7.31
C PRO B 48 16.72 -6.46 7.86
N VAL B 49 16.48 -6.78 9.14
CA VAL B 49 16.93 -8.06 9.76
C VAL B 49 16.18 -9.17 9.01
N MET B 50 14.93 -8.90 8.72
CA MET B 50 14.12 -9.87 7.96
C MET B 50 12.91 -9.16 7.39
N SER B 51 12.38 -9.69 6.28
CA SER B 51 11.20 -9.10 5.64
C SER B 51 10.21 -10.20 5.37
N LEU B 52 9.08 -10.15 6.07
CA LEU B 52 8.07 -11.26 6.03
C LEU B 52 7.02 -10.87 4.99
N ALA B 53 6.99 -11.60 3.87
CA ALA B 53 6.04 -11.37 2.82
C ALA B 53 4.60 -11.54 3.31
N LEU B 54 3.79 -10.50 3.18
CA LEU B 54 2.44 -10.55 3.70
C LEU B 54 1.55 -11.43 2.85
N SER B 55 1.94 -11.66 1.60
CA SER B 55 1.12 -12.48 0.64
C SER B 55 1.10 -13.90 1.13
N GLU B 56 2.09 -14.28 1.95
CA GLU B 56 2.07 -15.64 2.44
C GLU B 56 2.01 -15.78 3.98
N CYS B 57 1.45 -14.76 4.66
CA CYS B 57 1.23 -14.72 6.10
C CYS B 57 -0.24 -14.48 6.40
N THR B 58 -0.69 -15.02 7.53
CA THR B 58 -1.97 -14.62 8.07
C THR B 58 -1.80 -14.30 9.54
N VAL B 59 -2.77 -13.62 10.13
CA VAL B 59 -2.80 -13.44 11.57
C VAL B 59 -3.96 -14.24 12.10
N THR B 60 -3.72 -15.03 13.13
CA THR B 60 -4.75 -15.99 13.53
C THR B 60 -5.39 -15.93 14.92
N GLU B 61 -4.62 -16.04 15.97
CA GLU B 61 -5.13 -15.71 17.29
C GLU B 61 -4.49 -14.50 17.94
N HIS B 62 -5.16 -13.96 18.94
CA HIS B 62 -4.56 -12.93 19.74
C HIS B 62 -5.11 -13.05 21.15
N SER B 63 -4.43 -12.36 22.03
CA SER B 63 -4.82 -12.35 23.43
C SER B 63 -6.25 -11.80 23.64
N ARG B 64 -7.00 -12.39 24.58
CA ARG B 64 -8.16 -11.66 25.13
C ARG B 64 -7.72 -10.60 26.11
N LYS B 65 -8.37 -9.45 26.05
CA LYS B 65 -8.15 -8.36 26.99
C LYS B 65 -8.30 -8.96 28.42
N ASN B 66 -7.28 -8.76 29.24
CA ASN B 66 -7.17 -9.23 30.65
C ASN B 66 -6.02 -10.23 30.97
N SER B 76 0.95 -11.58 29.92
CA SER B 76 0.58 -10.44 29.06
C SER B 76 -0.71 -10.71 28.33
N ASP B 77 -1.51 -9.66 28.03
CA ASP B 77 -2.64 -9.77 27.11
C ASP B 77 -2.37 -8.94 25.83
N ALA B 78 -1.12 -8.95 25.34
CA ALA B 78 -0.73 -8.09 24.23
C ALA B 78 -0.04 -8.92 23.13
N LYS B 79 -0.49 -10.16 22.97
CA LYS B 79 0.12 -11.06 22.01
C LYS B 79 -0.76 -11.40 20.85
N PHE B 80 -0.12 -11.75 19.75
CA PHE B 80 -0.80 -12.31 18.57
C PHE B 80 0.07 -13.27 17.80
N VAL B 81 -0.57 -14.07 16.92
CA VAL B 81 0.13 -15.13 16.20
C VAL B 81 0.07 -14.78 14.74
N LEU B 82 1.25 -14.77 14.13
CA LEU B 82 1.39 -14.70 12.67
C LEU B 82 1.71 -16.06 12.13
N HIS B 83 0.87 -16.55 11.20
CA HIS B 83 0.96 -17.87 10.66
C HIS B 83 1.54 -17.86 9.23
N ALA B 84 2.45 -18.78 8.94
CA ALA B 84 3.04 -18.91 7.58
C ALA B 84 2.26 -19.84 6.67
N LYS B 85 1.86 -19.37 5.51
CA LYS B 85 1.24 -20.22 4.47
C LYS B 85 2.23 -20.88 3.56
N GLN B 86 3.49 -20.45 3.58
CA GLN B 86 4.45 -20.98 2.64
C GLN B 86 5.83 -20.86 3.20
N ASN B 87 6.73 -21.70 2.72
CA ASN B 87 8.08 -21.70 3.22
C ASN B 87 9.13 -20.64 2.94
N GLY B 88 9.27 -19.69 3.86
CA GLY B 88 9.96 -18.42 3.60
C GLY B 88 10.98 -17.53 4.25
N ILE B 89 10.69 -17.06 5.46
CA ILE B 89 11.39 -16.87 6.74
C ILE B 89 10.71 -17.55 7.96
N ILE B 90 9.60 -18.22 7.70
CA ILE B 90 8.95 -19.22 8.54
C ILE B 90 8.66 -20.43 7.64
N ARG B 91 8.92 -21.64 8.15
CA ARG B 91 8.41 -22.88 7.50
C ARG B 91 6.89 -22.87 7.32
N ARG B 92 6.40 -23.41 6.19
CA ARG B 92 4.96 -23.44 5.88
C ARG B 92 4.22 -24.11 7.04
N GLY B 93 3.14 -23.47 7.47
CA GLY B 93 2.30 -24.00 8.54
C GLY B 93 2.85 -23.78 9.97
N HIS B 94 3.97 -23.05 10.09
CA HIS B 94 4.53 -22.73 11.41
C HIS B 94 4.08 -21.34 11.89
N ASN B 95 4.35 -21.03 13.15
CA ASN B 95 3.65 -19.86 13.76
C ASN B 95 4.60 -19.04 14.53
N TRP B 96 4.52 -17.72 14.39
CA TRP B 96 5.32 -16.89 15.25
C TRP B 96 4.49 -16.02 16.16
N VAL B 97 4.95 -15.88 17.40
CA VAL B 97 4.18 -15.10 18.40
C VAL B 97 4.84 -13.80 18.70
N PHE B 98 4.06 -12.71 18.57
CA PHE B 98 4.47 -11.40 18.84
C PHE B 98 3.84 -10.83 20.09
N LYS B 99 4.58 -9.94 20.76
CA LYS B 99 4.09 -9.31 22.00
C LYS B 99 4.27 -7.82 21.87
N ALA B 100 3.17 -7.08 21.96
CA ALA B 100 3.25 -5.58 21.93
C ALA B 100 2.79 -4.98 23.25
N ASP B 101 3.29 -3.76 23.54
CA ASP B 101 3.31 -3.13 24.89
C ASP B 101 1.95 -3.22 25.64
N SER B 102 0.85 -3.23 24.89
CA SER B 102 -0.50 -3.25 25.49
C SER B 102 -1.44 -4.02 24.62
N TYR B 103 -2.61 -4.37 25.16
CA TYR B 103 -3.70 -4.91 24.37
C TYR B 103 -4.03 -4.03 23.17
N GLU B 104 -4.18 -2.74 23.43
CA GLU B 104 -4.60 -1.82 22.38
C GLU B 104 -3.59 -1.74 21.25
N SER B 105 -2.31 -1.64 21.60
CA SER B 105 -1.30 -1.61 20.61
C SER B 105 -1.27 -2.94 19.85
N MET B 106 -1.37 -4.09 20.56
CA MET B 106 -1.49 -5.38 19.85
C MET B 106 -2.65 -5.40 18.85
N MET B 107 -3.79 -4.86 19.26
CA MET B 107 -4.92 -4.88 18.33
C MET B 107 -4.72 -4.01 17.10
N SER B 108 -4.01 -2.90 17.25
CA SER B 108 -3.65 -2.03 16.12
C SER B 108 -2.77 -2.81 15.16
N TRP B 109 -1.77 -3.55 15.68
CA TRP B 109 -0.96 -4.40 14.83
C TRP B 109 -1.85 -5.49 14.13
N PHE B 110 -2.62 -6.22 14.95
CA PHE B 110 -3.43 -7.30 14.49
C PHE B 110 -4.37 -6.80 13.38
N ASP B 111 -5.11 -5.74 13.64
CA ASP B 111 -6.15 -5.29 12.65
C ASP B 111 -5.48 -4.77 11.34
N ASN B 112 -4.32 -4.10 11.51
CA ASN B 112 -3.57 -3.61 10.34
C ASN B 112 -3.02 -4.77 9.53
N LEU B 113 -2.50 -5.80 10.20
CA LEU B 113 -2.09 -6.99 9.46
C LEU B 113 -3.24 -7.71 8.78
N LYS B 114 -4.32 -7.90 9.52
CA LYS B 114 -5.46 -8.68 9.03
C LYS B 114 -5.99 -8.16 7.72
N ILE B 115 -6.14 -6.84 7.61
CA ILE B 115 -6.59 -6.25 6.36
C ILE B 115 -5.63 -6.31 5.21
N LEU B 116 -4.37 -6.65 5.47
CA LEU B 116 -3.38 -6.75 4.37
C LEU B 116 -3.06 -8.22 4.01
N THR B 117 -3.70 -9.16 4.75
CA THR B 117 -3.44 -10.60 4.59
C THR B 117 -4.72 -11.45 4.44
N SER B 118 -5.75 -10.87 3.83
CA SER B 118 -7.01 -11.54 3.63
C SER B 118 -6.97 -12.56 2.48
N THR B 119 -5.99 -12.45 1.59
CA THR B 119 -5.90 -13.43 0.47
C THR B 119 -4.86 -14.52 0.67
N SER B 120 -4.18 -14.50 1.82
CA SER B 120 -2.91 -15.23 2.07
C SER B 120 -3.10 -16.69 2.46
N PHE C 4 -4.23 0.67 -8.53
CA PHE C 4 -3.45 -0.56 -8.83
C PHE C 4 -3.23 -1.45 -7.61
N THR C 5 -3.34 -0.93 -6.39
CA THR C 5 -3.20 -1.81 -5.18
C THR C 5 -4.46 -2.39 -4.50
N GLU C 6 -4.74 -3.64 -4.83
CA GLU C 6 -6.08 -4.16 -4.53
C GLU C 6 -6.09 -5.62 -4.09
N ILE C 7 -7.21 -6.02 -3.50
CA ILE C 7 -7.41 -7.39 -3.09
C ILE C 7 -8.12 -8.15 -4.18
N LYS C 8 -9.18 -7.53 -4.71
CA LYS C 8 -9.98 -8.12 -5.74
C LYS C 8 -10.61 -7.03 -6.63
N SER C 9 -10.81 -7.30 -7.94
CA SER C 9 -11.60 -6.42 -8.75
C SER C 9 -12.39 -7.23 -9.79
N GLY C 10 -13.52 -6.68 -10.22
CA GLY C 10 -14.33 -7.35 -11.22
C GLY C 10 -15.69 -6.71 -11.15
N PHE C 11 -16.56 -7.14 -12.07
CA PHE C 11 -17.92 -6.69 -12.16
C PHE C 11 -18.84 -7.34 -11.17
N LEU C 12 -19.73 -6.53 -10.59
CA LEU C 12 -20.79 -7.10 -9.74
C LEU C 12 -22.06 -6.37 -10.09
N GLU C 13 -23.19 -7.03 -9.84
CA GLU C 13 -24.50 -6.37 -9.99
C GLU C 13 -25.00 -6.11 -8.59
N ARG C 14 -25.47 -4.90 -8.38
CA ARG C 14 -25.97 -4.54 -7.07
C ARG C 14 -27.49 -4.38 -7.20
N ARG C 15 -28.24 -4.96 -6.27
CA ARG C 15 -29.71 -4.93 -6.39
C ARG C 15 -30.24 -3.68 -5.75
N SER C 16 -31.31 -3.09 -6.31
CA SER C 16 -32.03 -2.05 -5.59
C SER C 16 -33.21 -2.70 -4.85
N LYS C 17 -33.37 -2.42 -3.56
CA LYS C 17 -34.42 -3.12 -2.77
C LYS C 17 -35.79 -2.66 -3.31
N PHE C 18 -35.88 -1.35 -3.47
CA PHE C 18 -37.16 -0.76 -3.88
C PHE C 18 -37.47 -0.99 -5.33
N LEU C 19 -36.48 -0.83 -6.20
CA LEU C 19 -36.71 -1.07 -7.62
C LEU C 19 -36.74 -2.55 -8.00
N LYS C 20 -36.14 -3.43 -7.17
CA LYS C 20 -36.13 -4.87 -7.43
C LYS C 20 -35.45 -5.16 -8.77
N SER C 21 -34.39 -4.44 -9.08
CA SER C 21 -33.62 -4.66 -10.30
C SER C 21 -32.15 -4.51 -9.92
N TYR C 22 -31.28 -4.91 -10.83
CA TYR C 22 -29.85 -4.87 -10.62
C TYR C 22 -29.22 -3.90 -11.51
N SER C 23 -28.16 -3.26 -11.06
CA SER C 23 -27.36 -2.52 -11.99
C SER C 23 -25.86 -2.87 -11.79
N LYS C 24 -25.13 -2.86 -12.88
CA LYS C 24 -23.79 -3.42 -12.82
C LYS C 24 -22.75 -2.35 -12.73
N GLY C 25 -21.65 -2.65 -12.05
CA GLY C 25 -20.58 -1.71 -11.92
C GLY C 25 -19.29 -2.51 -11.83
N TYR C 26 -18.16 -1.82 -11.96
CA TYR C 26 -16.89 -2.46 -11.91
C TYR C 26 -16.39 -2.14 -10.48
N TYR C 27 -16.16 -3.16 -9.68
CA TYR C 27 -15.77 -2.96 -8.28
C TYR C 27 -14.33 -3.28 -8.01
N VAL C 28 -13.76 -2.50 -7.11
CA VAL C 28 -12.38 -2.76 -6.63
C VAL C 28 -12.36 -2.83 -5.14
N LEU C 29 -11.96 -3.97 -4.61
CA LEU C 29 -11.84 -4.10 -3.15
C LEU C 29 -10.41 -3.85 -2.70
N THR C 30 -10.25 -2.97 -1.72
CA THR C 30 -8.92 -2.70 -1.21
C THR C 30 -9.05 -3.01 0.29
N PRO C 31 -7.96 -2.88 1.05
CA PRO C 31 -8.06 -3.13 2.49
C PRO C 31 -9.00 -2.17 3.18
N ASN C 32 -9.26 -1.01 2.61
CA ASN C 32 -10.11 0.06 3.19
C ASN C 32 -11.56 0.17 2.66
N PHE C 33 -11.75 -0.08 1.36
CA PHE C 33 -13.02 0.27 0.71
C PHE C 33 -13.42 -0.77 -0.30
N LEU C 34 -14.74 -0.90 -0.46
CA LEU C 34 -15.24 -1.46 -1.71
C LEU C 34 -15.57 -0.23 -2.56
N HIS C 35 -14.77 -0.01 -3.62
CA HIS C 35 -15.06 1.10 -4.56
C HIS C 35 -15.85 0.61 -5.76
N GLU C 36 -16.84 1.40 -6.19
CA GLU C 36 -17.48 1.17 -7.51
C GLU C 36 -16.99 2.19 -8.55
N PHE C 37 -16.72 1.72 -9.78
CA PHE C 37 -16.38 2.57 -10.90
C PHE C 37 -17.34 2.21 -12.01
N LYS C 38 -17.58 3.16 -12.90
CA LYS C 38 -18.46 2.87 -14.03
C LYS C 38 -17.86 1.83 -14.98
N THR C 39 -16.52 1.87 -15.11
CA THR C 39 -15.87 0.97 -16.02
C THR C 39 -14.63 0.33 -15.40
N ALA C 40 -14.05 -0.61 -16.14
CA ALA C 40 -12.82 -1.24 -15.78
C ALA C 40 -11.51 -0.54 -16.24
N ASP C 41 -11.60 0.64 -16.83
CA ASP C 41 -10.40 1.26 -17.39
C ASP C 41 -9.72 2.03 -16.28
N ARG C 42 -8.79 1.39 -15.60
CA ARG C 42 -8.20 1.98 -14.41
C ARG C 42 -7.31 3.22 -14.72
N LYS C 43 -6.98 3.46 -16.00
CA LYS C 43 -6.16 4.61 -16.31
C LYS C 43 -6.93 5.86 -16.67
N LYS C 44 -8.19 5.74 -17.07
CA LYS C 44 -8.94 6.91 -17.48
C LYS C 44 -10.23 7.11 -16.62
N ASP C 45 -10.63 6.08 -15.89
CA ASP C 45 -11.87 6.12 -15.17
C ASP C 45 -11.45 6.12 -13.71
N LEU C 46 -11.18 7.33 -13.22
CA LEU C 46 -10.34 7.51 -12.01
C LEU C 46 -11.09 7.81 -10.76
N VAL C 47 -12.35 8.17 -10.92
CA VAL C 47 -13.17 8.69 -9.83
C VAL C 47 -14.24 7.67 -9.45
N PRO C 48 -14.11 7.09 -8.25
CA PRO C 48 -15.16 6.17 -7.84
C PRO C 48 -16.55 6.79 -7.88
N VAL C 49 -17.52 5.99 -8.34
CA VAL C 49 -18.93 6.31 -8.21
C VAL C 49 -19.26 6.39 -6.70
N MET C 50 -18.72 5.45 -5.93
CA MET C 50 -18.88 5.50 -4.47
C MET C 50 -17.76 4.66 -3.88
N SER C 51 -17.41 4.93 -2.62
CA SER C 51 -16.45 4.12 -1.92
C SER C 51 -17.07 3.76 -0.60
N LEU C 52 -17.29 2.48 -0.37
CA LEU C 52 -17.94 1.96 0.84
C LEU C 52 -16.89 1.55 1.85
N ALA C 53 -16.86 2.24 3.00
CA ALA C 53 -15.81 1.93 3.94
C ALA C 53 -16.03 0.60 4.64
N LEU C 54 -15.05 -0.28 4.56
CA LEU C 54 -15.24 -1.67 5.04
C LEU C 54 -15.39 -1.74 6.56
N SER C 55 -14.81 -0.73 7.23
CA SER C 55 -14.87 -0.75 8.71
C SER C 55 -16.29 -0.50 9.24
N GLU C 56 -17.17 0.03 8.40
CA GLU C 56 -18.58 0.27 8.71
C GLU C 56 -19.52 -0.81 8.29
N CYS C 57 -19.00 -1.93 7.76
CA CYS C 57 -19.79 -2.99 7.05
C CYS C 57 -19.52 -4.36 7.66
N THR C 58 -20.46 -5.30 7.47
CA THR C 58 -20.13 -6.70 7.64
C THR C 58 -20.71 -7.45 6.43
N VAL C 59 -20.26 -8.67 6.16
CA VAL C 59 -20.97 -9.48 5.14
C VAL C 59 -21.71 -10.56 5.95
N THR C 60 -23.00 -10.76 5.68
CA THR C 60 -23.81 -11.59 6.58
C THR C 60 -24.10 -12.91 5.87
N GLU C 61 -24.88 -12.87 4.83
CA GLU C 61 -25.23 -14.12 4.22
C GLU C 61 -24.82 -14.21 2.77
N HIS C 62 -24.82 -15.43 2.24
CA HIS C 62 -24.51 -15.63 0.81
C HIS C 62 -25.27 -16.79 0.31
N SER C 63 -25.31 -16.92 -1.02
CA SER C 63 -26.05 -18.04 -1.58
C SER C 63 -25.35 -19.35 -1.29
N ARG C 64 -26.13 -20.43 -1.27
CA ARG C 64 -25.56 -21.82 -1.31
C ARG C 64 -25.37 -22.24 -2.74
N LYS C 65 -24.38 -23.09 -2.98
CA LYS C 65 -24.12 -23.60 -4.31
C LYS C 65 -25.35 -24.39 -4.75
N ASN C 66 -25.74 -24.21 -6.02
CA ASN C 66 -26.88 -24.95 -6.62
C ASN C 66 -26.79 -26.50 -6.57
N SER C 67 -25.57 -27.03 -6.60
CA SER C 67 -25.36 -28.48 -6.68
C SER C 67 -24.98 -29.22 -5.37
N THR C 68 -24.82 -28.50 -4.26
CA THR C 68 -24.37 -29.13 -2.98
C THR C 68 -24.98 -28.38 -1.79
N GLY C 75 -26.83 -16.49 -12.13
CA GLY C 75 -26.56 -15.63 -10.98
C GLY C 75 -27.32 -16.08 -9.74
N SER C 76 -28.24 -17.05 -9.96
CA SER C 76 -29.12 -17.54 -8.90
C SER C 76 -28.39 -17.88 -7.57
N ASP C 77 -27.23 -18.53 -7.66
CA ASP C 77 -26.45 -18.95 -6.49
C ASP C 77 -25.18 -18.11 -6.23
N ALA C 78 -25.22 -16.86 -6.63
CA ALA C 78 -23.98 -16.02 -6.64
C ALA C 78 -24.16 -14.71 -5.90
N LYS C 79 -25.02 -14.70 -4.90
CA LYS C 79 -25.34 -13.47 -4.18
C LYS C 79 -24.75 -13.45 -2.83
N PHE C 80 -24.52 -12.23 -2.33
CA PHE C 80 -24.11 -12.02 -0.93
C PHE C 80 -24.64 -10.70 -0.45
N VAL C 81 -24.66 -10.53 0.87
CA VAL C 81 -25.27 -9.37 1.47
C VAL C 81 -24.20 -8.63 2.25
N LEU C 82 -24.14 -7.33 1.98
CA LEU C 82 -23.27 -6.44 2.71
C LEU C 82 -24.17 -5.61 3.63
N HIS C 83 -23.95 -5.69 4.91
CA HIS C 83 -24.73 -5.02 5.95
C HIS C 83 -24.00 -3.76 6.49
N ALA C 84 -24.71 -2.62 6.57
CA ALA C 84 -24.13 -1.37 7.13
C ALA C 84 -24.31 -1.33 8.67
N LYS C 85 -23.20 -1.23 9.37
CA LYS C 85 -23.17 -1.14 10.83
C LYS C 85 -23.38 0.30 11.30
N GLN C 86 -23.14 1.25 10.40
CA GLN C 86 -23.15 2.69 10.68
C GLN C 86 -23.63 3.42 9.43
N ASN C 87 -24.11 4.65 9.63
CA ASN C 87 -24.50 5.52 8.53
C ASN C 87 -23.31 5.97 7.68
N GLY C 88 -23.30 5.59 6.40
CA GLY C 88 -22.24 6.05 5.50
C GLY C 88 -22.93 6.23 4.17
N ILE C 89 -22.49 5.43 3.21
CA ILE C 89 -23.20 5.36 1.96
C ILE C 89 -24.56 4.66 2.13
N ILE C 90 -24.59 3.66 3.00
CA ILE C 90 -25.83 2.94 3.32
C ILE C 90 -26.29 3.41 4.74
N ARG C 91 -27.61 3.43 4.99
CA ARG C 91 -28.15 3.83 6.31
C ARG C 91 -27.83 2.72 7.30
N ARG C 92 -27.49 3.06 8.54
CA ARG C 92 -27.23 2.07 9.57
C ARG C 92 -28.35 1.03 9.64
N GLY C 93 -27.98 -0.25 9.73
CA GLY C 93 -28.89 -1.39 9.82
C GLY C 93 -29.72 -1.52 8.55
N HIS C 94 -29.15 -1.18 7.40
CA HIS C 94 -29.61 -1.59 6.10
C HIS C 94 -28.61 -2.46 5.34
N ASN C 95 -29.07 -3.04 4.24
CA ASN C 95 -28.34 -4.11 3.59
C ASN C 95 -28.30 -3.90 2.10
N TRP C 96 -27.17 -4.21 1.48
CA TRP C 96 -27.15 -4.20 0.01
C TRP C 96 -26.85 -5.58 -0.49
N VAL C 97 -27.55 -6.01 -1.53
CA VAL C 97 -27.35 -7.32 -2.13
C VAL C 97 -26.56 -7.23 -3.44
N PHE C 98 -25.51 -8.04 -3.56
CA PHE C 98 -24.69 -8.05 -4.77
C PHE C 98 -24.74 -9.40 -5.36
N LYS C 99 -24.55 -9.44 -6.67
CA LYS C 99 -24.61 -10.64 -7.45
C LYS C 99 -23.42 -10.71 -8.36
N ALA C 100 -22.63 -11.79 -8.20
CA ALA C 100 -21.44 -12.06 -9.04
C ALA C 100 -21.79 -13.21 -10.01
N ASP C 101 -20.91 -13.49 -10.98
CA ASP C 101 -21.31 -14.34 -12.12
C ASP C 101 -21.51 -15.80 -11.77
N SER C 102 -21.00 -16.20 -10.63
CA SER C 102 -21.06 -17.60 -10.29
C SER C 102 -20.88 -17.70 -8.82
N TYR C 103 -21.21 -18.87 -8.30
CA TYR C 103 -21.04 -19.15 -6.87
C TYR C 103 -19.57 -19.00 -6.57
N GLU C 104 -18.75 -19.53 -7.45
CA GLU C 104 -17.33 -19.49 -7.21
C GLU C 104 -16.74 -18.07 -7.05
N SER C 105 -17.10 -17.18 -7.97
CA SER C 105 -16.61 -15.83 -7.96
C SER C 105 -17.18 -15.10 -6.74
N MET C 106 -18.48 -15.29 -6.50
CA MET C 106 -19.13 -14.72 -5.29
C MET C 106 -18.37 -15.13 -4.00
N MET C 107 -17.89 -16.39 -3.91
CA MET C 107 -17.26 -16.84 -2.68
C MET C 107 -15.89 -16.20 -2.51
N SER C 108 -15.25 -15.93 -3.63
CA SER C 108 -13.99 -15.15 -3.63
C SER C 108 -14.25 -13.77 -3.01
N TRP C 109 -15.25 -13.02 -3.52
CA TRP C 109 -15.65 -11.78 -2.86
C TRP C 109 -16.02 -11.96 -1.40
N PHE C 110 -16.92 -12.90 -1.14
CA PHE C 110 -17.37 -13.12 0.25
C PHE C 110 -16.22 -13.44 1.22
N ASP C 111 -15.36 -14.35 0.83
CA ASP C 111 -14.33 -14.81 1.78
C ASP C 111 -13.38 -13.64 2.12
N ASN C 112 -13.02 -12.83 1.10
CA ASN C 112 -12.22 -11.61 1.42
C ASN C 112 -12.94 -10.65 2.28
N LEU C 113 -14.23 -10.40 1.93
CA LEU C 113 -14.96 -9.44 2.72
C LEU C 113 -15.18 -9.90 4.14
N LYS C 114 -15.42 -11.19 4.36
CA LYS C 114 -15.64 -11.69 5.67
C LYS C 114 -14.41 -11.37 6.61
N ILE C 115 -13.22 -11.65 6.11
CA ILE C 115 -11.94 -11.35 6.81
C ILE C 115 -11.79 -9.82 7.05
N LEU C 116 -11.96 -9.02 5.99
CA LEU C 116 -11.77 -7.60 6.11
C LEU C 116 -12.73 -6.93 7.12
N THR C 117 -13.96 -7.47 7.23
CA THR C 117 -15.00 -6.84 8.05
C THR C 117 -15.25 -7.49 9.40
N SER C 118 -14.63 -8.64 9.64
CA SER C 118 -14.79 -9.35 10.93
C SER C 118 -14.35 -8.45 12.12
N PRO D 3 -2.51 -7.88 -2.81
CA PRO D 3 -2.19 -6.43 -2.81
C PRO D 3 -0.67 -6.11 -2.72
N PHE D 4 0.08 -6.45 -3.78
CA PHE D 4 1.50 -6.03 -3.91
C PHE D 4 1.51 -4.64 -4.57
N THR D 5 2.02 -3.62 -3.83
CA THR D 5 2.32 -2.31 -4.37
C THR D 5 3.76 -2.41 -4.94
N GLU D 6 3.89 -2.56 -6.25
CA GLU D 6 5.24 -2.38 -6.83
C GLU D 6 5.21 -1.30 -7.94
N ILE D 7 6.37 -0.70 -8.20
CA ILE D 7 6.49 0.29 -9.29
C ILE D 7 6.91 -0.40 -10.58
N LYS D 8 7.89 -1.31 -10.45
CA LYS D 8 8.43 -2.00 -11.58
C LYS D 8 9.01 -3.34 -11.14
N SER D 9 8.95 -4.37 -12.00
CA SER D 9 9.65 -5.56 -11.72
C SER D 9 10.19 -6.14 -13.02
N GLY D 10 11.34 -6.81 -12.91
CA GLY D 10 11.93 -7.48 -14.08
C GLY D 10 13.37 -7.91 -13.78
N PHE D 11 13.99 -8.65 -14.71
CA PHE D 11 15.34 -9.13 -14.57
C PHE D 11 16.35 -8.01 -14.82
N LEU D 12 17.38 -7.94 -13.99
CA LEU D 12 18.52 -7.05 -14.29
C LEU D 12 19.79 -7.82 -14.01
N GLU D 13 20.85 -7.39 -14.68
CA GLU D 13 22.15 -7.98 -14.40
C GLU D 13 22.88 -6.91 -13.62
N ARG D 14 23.55 -7.35 -12.54
CA ARG D 14 24.29 -6.44 -11.70
C ARG D 14 25.80 -6.80 -11.86
N ARG D 15 26.61 -5.79 -12.10
CA ARG D 15 28.04 -6.04 -12.37
C ARG D 15 28.77 -6.14 -11.06
N SER D 16 29.80 -7.01 -10.97
CA SER D 16 30.70 -6.95 -9.84
C SER D 16 31.89 -6.10 -10.30
N LYS D 17 32.29 -5.09 -9.55
CA LYS D 17 33.39 -4.20 -10.01
C LYS D 17 34.70 -5.00 -10.04
N PHE D 18 34.87 -5.79 -8.98
CA PHE D 18 36.13 -6.55 -8.83
C PHE D 18 36.19 -7.74 -9.76
N LEU D 19 35.10 -8.51 -9.88
CA LEU D 19 35.14 -9.69 -10.74
C LEU D 19 34.90 -9.36 -12.21
N LYS D 20 34.37 -8.17 -12.51
CA LYS D 20 34.17 -7.73 -13.91
C LYS D 20 33.23 -8.64 -14.65
N SER D 21 32.18 -9.09 -13.97
CA SER D 21 31.23 -10.01 -14.55
C SER D 21 29.87 -9.56 -14.01
N TYR D 22 28.83 -10.12 -14.61
CA TYR D 22 27.43 -9.80 -14.29
C TYR D 22 26.77 -11.02 -13.74
N SER D 23 25.89 -10.83 -12.78
CA SER D 23 25.02 -11.89 -12.42
C SER D 23 23.57 -11.37 -12.38
N LYS D 24 22.65 -12.26 -12.68
CA LYS D 24 21.28 -11.82 -12.98
C LYS D 24 20.39 -12.14 -11.82
N GLY D 25 19.37 -11.31 -11.62
CA GLY D 25 18.47 -11.46 -10.52
C GLY D 25 17.14 -10.90 -10.97
N TYR D 26 16.11 -11.24 -10.21
CA TYR D 26 14.81 -10.73 -10.56
C TYR D 26 14.56 -9.58 -9.58
N TYR D 27 14.36 -8.38 -10.06
CA TYR D 27 14.25 -7.22 -9.16
C TYR D 27 12.86 -6.65 -9.08
N VAL D 28 12.57 -6.09 -7.92
CA VAL D 28 11.25 -5.45 -7.73
C VAL D 28 11.48 -4.18 -7.03
N LEU D 29 11.08 -3.11 -7.71
CA LEU D 29 11.19 -1.72 -7.21
C LEU D 29 9.89 -1.33 -6.52
N THR D 30 9.97 -0.91 -5.29
CA THR D 30 8.79 -0.46 -4.58
C THR D 30 9.10 0.98 -4.20
N PRO D 31 8.15 1.69 -3.58
CA PRO D 31 8.45 3.07 -3.16
C PRO D 31 9.59 3.14 -2.17
N ASN D 32 9.89 2.04 -1.45
CA ASN D 32 10.91 2.01 -0.44
C ASN D 32 12.23 1.32 -0.80
N PHE D 33 12.19 0.28 -1.62
CA PHE D 33 13.38 -0.55 -1.84
C PHE D 33 13.52 -0.98 -3.27
N LEU D 34 14.76 -1.20 -3.66
CA LEU D 34 14.96 -2.09 -4.79
C LEU D 34 15.29 -3.48 -4.18
N HIS D 35 14.35 -4.43 -4.31
CA HIS D 35 14.57 -5.82 -3.80
C HIS D 35 15.10 -6.70 -4.92
N GLU D 36 16.08 -7.55 -4.62
CA GLU D 36 16.44 -8.67 -5.53
C GLU D 36 15.92 -9.99 -4.98
N PHE D 37 15.33 -10.80 -5.88
CA PHE D 37 14.98 -12.18 -5.63
C PHE D 37 15.70 -13.08 -6.63
N LYS D 38 15.87 -14.32 -6.22
CA LYS D 38 16.47 -15.29 -7.13
C LYS D 38 15.64 -15.55 -8.36
N THR D 39 14.30 -15.56 -8.19
CA THR D 39 13.42 -15.88 -9.27
C THR D 39 12.24 -14.90 -9.35
N ALA D 40 11.47 -15.05 -10.40
CA ALA D 40 10.29 -14.28 -10.58
C ALA D 40 8.98 -14.86 -9.95
N ASP D 41 9.08 -15.94 -9.23
CA ASP D 41 7.88 -16.60 -8.72
C ASP D 41 7.46 -15.89 -7.43
N ARG D 42 6.59 -14.92 -7.54
CA ARG D 42 6.20 -14.15 -6.37
C ARG D 42 5.49 -14.98 -5.25
N LYS D 43 5.00 -16.18 -5.54
CA LYS D 43 4.24 -16.87 -4.50
C LYS D 43 5.09 -17.82 -3.70
N LYS D 44 6.24 -18.19 -4.21
CA LYS D 44 7.03 -19.20 -3.52
C LYS D 44 8.45 -18.72 -3.23
N ASP D 45 8.83 -17.61 -3.84
CA ASP D 45 10.19 -17.17 -3.68
C ASP D 45 10.05 -15.85 -2.95
N LEU D 46 10.02 -15.96 -1.64
CA LEU D 46 9.41 -14.88 -0.80
C LEU D 46 10.40 -13.99 -0.07
N VAL D 47 11.64 -14.39 -0.08
CA VAL D 47 12.65 -13.76 0.72
C VAL D 47 13.64 -13.05 -0.18
N PRO D 48 13.66 -11.70 -0.13
CA PRO D 48 14.65 -10.97 -0.91
C PRO D 48 16.05 -11.46 -0.59
N VAL D 49 16.83 -11.60 -1.66
CA VAL D 49 18.24 -11.80 -1.54
C VAL D 49 18.85 -10.57 -0.86
N MET D 50 18.37 -9.39 -1.25
CA MET D 50 18.81 -8.20 -0.54
C MET D 50 17.76 -7.14 -0.86
N SER D 51 17.63 -6.16 0.03
CA SER D 51 16.73 -5.05 -0.18
C SER D 51 17.50 -3.76 -0.02
N LEU D 52 17.65 -2.98 -1.10
CA LEU D 52 18.40 -1.74 -1.09
C LEU D 52 17.47 -0.59 -0.79
N ALA D 53 17.69 0.10 0.32
CA ALA D 53 16.81 1.25 0.63
C ALA D 53 17.04 2.45 -0.28
N LEU D 54 15.98 2.89 -0.92
CA LEU D 54 16.10 3.93 -1.95
C LEU D 54 16.51 5.29 -1.33
N SER D 55 16.13 5.50 -0.06
CA SER D 55 16.44 6.80 0.56
C SER D 55 17.96 6.98 0.83
N GLU D 56 18.72 5.90 0.72
CA GLU D 56 20.18 5.91 0.86
C GLU D 56 20.94 5.93 -0.47
N CYS D 57 20.21 5.99 -1.58
CA CYS D 57 20.78 5.83 -2.97
C CYS D 57 20.47 7.03 -3.84
N THR D 58 21.25 7.20 -4.93
CA THR D 58 20.80 8.07 -6.01
C THR D 58 21.13 7.30 -7.28
N VAL D 59 20.51 7.68 -8.39
CA VAL D 59 20.97 7.15 -9.70
C VAL D 59 21.73 8.30 -10.38
N THR D 60 22.89 8.01 -10.94
CA THR D 60 23.77 9.11 -11.34
C THR D 60 23.99 9.25 -12.81
N GLU D 61 24.15 8.13 -13.49
CA GLU D 61 24.39 8.11 -14.92
C GLU D 61 23.77 6.87 -15.55
N HIS D 62 23.60 6.94 -16.87
CA HIS D 62 23.02 5.82 -17.60
C HIS D 62 23.55 5.87 -19.00
N SER D 63 23.36 4.78 -19.74
CA SER D 63 23.89 4.77 -21.08
C SER D 63 23.11 5.73 -22.01
N ARG D 64 23.78 6.21 -23.04
CA ARG D 64 23.10 6.85 -24.19
C ARG D 64 22.67 5.80 -25.19
N LYS D 65 21.57 6.08 -25.90
CA LYS D 65 21.06 5.14 -26.89
C LYS D 65 22.08 4.98 -28.02
N ASN D 66 22.28 3.73 -28.43
CA ASN D 66 23.09 3.37 -29.60
C ASN D 66 22.65 4.05 -30.89
N ASP D 77 24.05 -0.44 -24.44
CA ASP D 77 23.43 0.84 -24.13
C ASP D 77 22.31 0.75 -23.08
N ALA D 78 22.40 -0.20 -22.16
CA ALA D 78 21.26 -0.48 -21.25
C ALA D 78 21.66 -0.44 -19.80
N LYS D 79 22.70 0.32 -19.48
CA LYS D 79 23.24 0.35 -18.13
C LYS D 79 22.87 1.58 -17.41
N PHE D 80 22.80 1.48 -16.11
CA PHE D 80 22.70 2.65 -15.23
C PHE D 80 23.49 2.42 -13.95
N VAL D 81 23.81 3.50 -13.24
CA VAL D 81 24.58 3.40 -12.00
C VAL D 81 23.73 3.82 -10.80
N LEU D 82 23.76 3.00 -9.76
CA LEU D 82 23.13 3.32 -8.51
C LEU D 82 24.24 3.63 -7.53
N HIS D 83 24.17 4.81 -6.94
CA HIS D 83 25.25 5.35 -6.05
C HIS D 83 24.76 5.31 -4.59
N ALA D 84 25.57 4.75 -3.68
CA ALA D 84 25.23 4.74 -2.23
C ALA D 84 25.63 6.09 -1.57
N LYS D 85 24.63 6.75 -1.00
CA LYS D 85 24.88 7.97 -0.21
C LYS D 85 25.27 7.64 1.24
N GLN D 86 24.89 6.46 1.73
CA GLN D 86 25.20 6.00 3.09
C GLN D 86 25.50 4.53 3.07
N ASN D 87 26.15 4.08 4.16
CA ASN D 87 26.52 2.71 4.38
C ASN D 87 25.26 1.87 4.56
N GLY D 88 25.05 0.91 3.68
CA GLY D 88 23.92 0.00 3.85
C GLY D 88 24.38 -1.32 3.35
N ILE D 89 23.73 -1.83 2.32
CA ILE D 89 24.26 -2.95 1.61
C ILE D 89 25.50 -2.57 0.81
N ILE D 90 25.51 -1.37 0.28
CA ILE D 90 26.63 -0.80 -0.46
C ILE D 90 27.40 0.16 0.53
N ARG D 91 28.74 0.22 0.46
CA ARG D 91 29.54 1.20 1.27
C ARG D 91 29.23 2.61 0.78
N ARG D 92 29.19 3.59 1.70
CA ARG D 92 28.95 4.98 1.33
C ARG D 92 30.00 5.42 0.30
N GLY D 93 29.56 6.17 -0.68
CA GLY D 93 30.34 6.65 -1.81
C GLY D 93 30.53 5.65 -2.93
N HIS D 94 30.13 4.38 -2.74
CA HIS D 94 30.36 3.37 -3.76
C HIS D 94 29.17 3.23 -4.74
N ASN D 95 29.40 2.48 -5.82
CA ASN D 95 28.46 2.45 -6.93
C ASN D 95 28.19 1.06 -7.44
N TRP D 96 26.95 0.77 -7.77
CA TRP D 96 26.68 -0.51 -8.44
C TRP D 96 26.15 -0.24 -9.81
N VAL D 97 26.61 -1.02 -10.78
CA VAL D 97 26.15 -0.93 -12.18
C VAL D 97 25.18 -2.03 -12.50
N PHE D 98 24.07 -1.64 -13.12
CA PHE D 98 23.05 -2.56 -13.54
C PHE D 98 22.87 -2.47 -15.03
N LYS D 99 22.47 -3.59 -15.62
CA LYS D 99 22.30 -3.72 -17.05
C LYS D 99 20.92 -4.34 -17.26
N ALA D 100 20.09 -3.64 -18.04
CA ALA D 100 18.78 -4.17 -18.46
C ALA D 100 18.79 -4.43 -19.98
N ASP D 101 17.75 -5.12 -20.51
CA ASP D 101 17.87 -5.78 -21.85
C ASP D 101 17.94 -4.83 -22.98
N SER D 102 17.58 -3.61 -22.70
CA SER D 102 17.53 -2.60 -23.77
C SER D 102 17.63 -1.24 -23.18
N TYR D 103 17.98 -0.26 -24.01
CA TYR D 103 18.00 1.14 -23.61
C TYR D 103 16.62 1.52 -23.08
N GLU D 104 15.57 1.10 -23.80
CA GLU D 104 14.25 1.50 -23.41
C GLU D 104 13.89 0.96 -22.03
N SER D 105 14.15 -0.32 -21.81
CA SER D 105 13.87 -0.93 -20.51
C SER D 105 14.68 -0.25 -19.40
N MET D 106 15.97 -0.10 -19.65
CA MET D 106 16.87 0.62 -18.74
C MET D 106 16.28 2.04 -18.40
N MET D 107 15.74 2.77 -19.38
CA MET D 107 15.26 4.10 -19.06
C MET D 107 14.01 4.06 -18.16
N SER D 108 13.19 3.03 -18.35
CA SER D 108 12.06 2.77 -17.49
C SER D 108 12.54 2.62 -16.04
N TRP D 109 13.52 1.73 -15.78
CA TRP D 109 14.12 1.72 -14.45
C TRP D 109 14.70 3.07 -13.99
N PHE D 110 15.54 3.65 -14.84
CA PHE D 110 16.24 4.88 -14.46
C PHE D 110 15.25 6.00 -14.16
N ASP D 111 14.25 6.15 -15.00
CA ASP D 111 13.36 7.29 -14.79
C ASP D 111 12.58 7.17 -13.47
N ASN D 112 12.15 5.93 -13.13
CA ASN D 112 11.54 5.70 -11.83
C ASN D 112 12.46 5.96 -10.68
N LEU D 113 13.65 5.34 -10.76
CA LEU D 113 14.64 5.57 -9.74
C LEU D 113 15.02 7.01 -9.54
N LYS D 114 15.16 7.77 -10.63
CA LYS D 114 15.56 9.17 -10.53
C LYS D 114 14.54 9.91 -9.63
N ILE D 115 13.24 9.69 -9.89
CA ILE D 115 12.20 10.35 -9.10
C ILE D 115 12.22 9.85 -7.64
N LEU D 116 12.33 8.54 -7.44
CA LEU D 116 12.29 8.00 -6.08
C LEU D 116 13.44 8.51 -5.20
N THR D 117 14.61 8.77 -5.82
CA THR D 117 15.83 9.03 -5.06
C THR D 117 16.28 10.50 -5.08
N SER D 118 15.65 11.30 -5.94
CA SER D 118 15.96 12.73 -6.06
C SER D 118 15.82 13.40 -4.69
N THR D 119 16.64 14.42 -4.43
CA THR D 119 16.62 15.08 -3.14
C THR D 119 15.58 16.19 -3.24
P PO4 E . -7.62 2.71 -0.98
O1 PO4 E . -8.40 2.13 0.05
O2 PO4 E . -7.98 2.37 -2.43
O3 PO4 E . -7.51 4.17 -0.86
O4 PO4 E . -6.26 2.13 -0.88
P PO4 F . -4.40 25.46 -13.33
O1 PO4 F . -4.09 26.65 -12.46
O2 PO4 F . -5.89 25.21 -13.31
O3 PO4 F . -3.84 25.74 -14.70
O4 PO4 F . -3.69 24.26 -12.82
O5 I4D G . 0.91 33.40 0.77
C5 I4D G . -0.22 32.53 0.74
C6 I4D G . -1.12 33.03 -0.41
O6 I4D G . -0.48 32.76 -1.64
C4 I4D G . -0.87 32.64 2.12
O4 I4D G . 0.02 32.16 3.16
P4 I4D G . 0.28 32.95 4.61
O43 I4D G . 0.24 31.81 5.64
O42 I4D G . 1.65 33.60 4.35
O41 I4D G . -0.87 33.93 4.87
C3 I4D G . -2.26 32.04 2.17
O3 I4D G . -3.01 32.65 3.25
C2 I4D G . -3.15 32.33 0.95
O2 I4D G . -3.88 33.53 1.24
C1 I4D G . -2.45 32.32 -0.42
O1 I4D G . -3.34 32.84 -1.40
P PO4 H . 8.09 -2.64 0.48
O1 PO4 H . 8.12 -3.21 1.81
O2 PO4 H . 8.05 -3.79 -0.53
O3 PO4 H . 6.68 -2.25 0.23
O4 PO4 H . 8.80 -1.42 0.20
P PO4 I . 5.15 -23.96 15.46
O1 PO4 I . 4.92 -24.05 16.94
O2 PO4 I . 5.74 -25.28 15.03
O3 PO4 I . 3.89 -23.67 14.72
O4 PO4 I . 6.14 -22.86 15.14
O5 I4D J . 4.10 -12.53 28.18
C5 I4D J . 5.11 -13.47 28.52
C6 I4D J . 4.83 -14.76 27.79
O6 I4D J . 4.84 -14.50 26.39
C4 I4D J . 4.97 -13.68 30.03
O4 I4D J . 5.29 -12.44 30.73
P4 I4D J . 4.12 -11.55 31.49
O43 I4D J . 4.67 -11.26 32.88
O42 I4D J . 3.85 -10.26 30.69
O41 I4D J . 2.87 -12.46 31.60
C3 I4D J . 5.71 -14.93 30.56
O3 I4D J . 5.03 -15.34 31.76
C2 I4D J . 5.81 -16.17 29.65
O2 I4D J . 4.72 -17.08 29.94
C1 I4D J . 5.78 -15.92 28.14
O1 I4D J . 5.07 -17.05 27.64
P PO4 K . -22.04 -22.91 0.74
O1 PO4 K . -23.17 -22.36 1.55
O2 PO4 K . -22.53 -23.67 -0.49
O3 PO4 K . -21.13 -21.76 0.34
O4 PO4 K . -21.22 -23.84 1.62
O5 I4D L . -32.90 -4.13 3.80
C5 I4D L . -33.49 -3.37 4.81
C6 I4D L . -34.71 -4.14 5.33
O6 I4D L . -34.28 -5.12 6.29
C4 I4D L . -33.87 -2.22 3.89
O4 I4D L . -32.64 -1.60 3.50
P4 I4D L . -31.99 -1.29 1.99
O43 I4D L . -31.56 0.18 1.99
O42 I4D L . -30.80 -2.22 1.99
O41 I4D L . -32.99 -1.59 0.88
C3 I4D L . -34.91 -1.25 4.50
O3 I4D L . -35.41 -0.36 3.46
C2 I4D L . -36.08 -1.91 5.31
O2 I4D L . -37.24 -2.14 4.47
C1 I4D L . -35.79 -3.25 6.01
O1 I4D L . -37.03 -4.01 6.10
P PO4 M . 33.28 2.31 -6.79
O1 PO4 M . 33.68 1.30 -5.75
O2 PO4 M . 33.48 1.75 -8.18
O3 PO4 M . 31.85 2.64 -6.57
O4 PO4 M . 34.12 3.57 -6.62
P PO4 N . 30.57 -4.13 -19.30
O1 PO4 N . 29.94 -3.09 -18.39
O2 PO4 N . 29.55 -4.63 -20.34
O3 PO4 N . 31.76 -3.52 -19.97
O4 PO4 N . 31.13 -5.24 -18.46
#